data_6ZDE
#
_entry.id   6ZDE
#
_cell.length_a   91.251
_cell.length_b   91.251
_cell.length_c   133.060
_cell.angle_alpha   90.000
_cell.angle_beta   90.000
_cell.angle_gamma   90.000
#
_symmetry.space_group_name_H-M   'I 4 2 2'
#
loop_
_entity.id
_entity.type
_entity.pdbx_description
1 polymer '17-beta-hydroxysteroid dehydrogenase 14'
2 non-polymer 2,3,4,5,6-pentakis(fluoranyl)phenol
3 non-polymer NICOTINAMIDE-ADENINE-DINUCLEOTIDE
4 non-polymer 'SODIUM ION'
5 water water
#
_entity_poly.entity_id   1
_entity_poly.type   'polypeptide(L)'
_entity_poly.pdbx_seq_one_letter_code
;MATGTRYAGKVVVVTGGGRGIGAGIVRAFVNSGARVVICDKDESGGRALEQELPGAVFILCDVTQEDDVKTLVSETIRRF
GRLDCVVNNAGHHPPPQRPEETSAQGFRQLLELNLLGTYTLTKLALPYLRKSQGNVINISSLVGAIGQAQAVPYVATKGA
VTAMTKALALDESPYGVRVNCISPGNIWTPLWEELAALMPDPRASIREGMLAQPLGRMGQPAEVGAAAVFLASEANFCTG
IELLVTGGAELGYGCKASRSTPVDAPDIPS
;
_entity_poly.pdbx_strand_id   A
#
loop_
_chem_comp.id
_chem_comp.type
_chem_comp.name
_chem_comp.formula
NA non-polymer 'SODIUM ION' 'Na 1'
NAD non-polymer NICOTINAMIDE-ADENINE-DINUCLEOTIDE 'C21 H27 N7 O14 P2'
QFZ non-polymer 2,3,4,5,6-pentakis(fluoranyl)phenol 'C6 H F5 O'
#
# COMPACT_ATOMS: atom_id res chain seq x y z
N THR A 5 18.27 -4.41 11.96
CA THR A 5 19.52 -4.00 11.32
C THR A 5 19.40 -3.75 9.79
N ARG A 6 18.51 -4.48 9.11
CA ARG A 6 18.50 -4.46 7.65
C ARG A 6 18.17 -3.09 7.09
N TYR A 7 17.42 -2.27 7.82
CA TYR A 7 17.05 -0.93 7.36
C TYR A 7 17.24 0.09 8.49
N ALA A 8 18.28 -0.12 9.31
CA ALA A 8 18.57 0.77 10.42
C ALA A 8 19.00 2.13 9.92
N GLY A 9 18.65 3.17 10.67
CA GLY A 9 19.00 4.53 10.32
C GLY A 9 18.16 5.14 9.22
N LYS A 10 17.18 4.41 8.71
CA LYS A 10 16.33 4.85 7.60
C LYS A 10 14.98 5.34 8.13
N VAL A 11 14.33 6.19 7.33
CA VAL A 11 13.04 6.78 7.71
C VAL A 11 12.02 6.44 6.63
N VAL A 12 10.89 5.86 7.04
CA VAL A 12 9.88 5.33 6.13
C VAL A 12 8.53 5.97 6.45
N VAL A 13 7.80 6.38 5.43
CA VAL A 13 6.41 6.81 5.57
C VAL A 13 5.50 5.74 4.97
N VAL A 14 4.50 5.31 5.72
CA VAL A 14 3.53 4.32 5.25
C VAL A 14 2.14 4.96 5.32
N THR A 15 1.49 5.14 4.16
CA THR A 15 0.14 5.69 4.19
C THR A 15 -0.87 4.58 4.42
N GLY A 16 -2.00 4.95 5.02
CA GLY A 16 -2.94 3.96 5.49
C GLY A 16 -2.36 2.95 6.45
N GLY A 17 -1.40 3.37 7.30
CA GLY A 17 -0.71 2.43 8.14
C GLY A 17 -1.40 2.10 9.45
N GLY A 18 -2.63 2.56 9.66
CA GLY A 18 -3.27 2.37 10.94
C GLY A 18 -3.84 1.00 11.18
N ARG A 19 -4.07 0.21 10.12
CA ARG A 19 -4.65 -1.12 10.25
C ARG A 19 -4.34 -1.91 8.99
N GLY A 20 -4.69 -3.21 9.02
CA GLY A 20 -4.64 -4.01 7.80
C GLY A 20 -3.22 -4.15 7.25
N ILE A 21 -3.12 -4.17 5.92
CA ILE A 21 -1.82 -4.32 5.25
C ILE A 21 -0.86 -3.23 5.70
N GLY A 22 -1.33 -1.98 5.75
CA GLY A 22 -0.46 -0.88 6.14
C GLY A 22 0.15 -1.08 7.51
N ALA A 23 -0.64 -1.56 8.47
CA ALA A 23 -0.08 -1.81 9.79
C ALA A 23 0.97 -2.93 9.75
N GLY A 24 0.74 -3.95 8.92
CA GLY A 24 1.75 -5.01 8.80
C GLY A 24 3.04 -4.50 8.20
N ILE A 25 2.94 -3.56 7.26
CA ILE A 25 4.13 -2.93 6.68
C ILE A 25 4.85 -2.06 7.71
N VAL A 26 4.09 -1.28 8.49
CA VAL A 26 4.69 -0.51 9.58
C VAL A 26 5.49 -1.43 10.50
N ARG A 27 4.87 -2.52 10.94
CA ARG A 27 5.54 -3.43 11.87
C ARG A 27 6.81 -4.01 11.26
N ALA A 28 6.75 -4.40 9.98
CA ALA A 28 7.90 -5.02 9.34
C ALA A 28 9.07 -4.04 9.27
N PHE A 29 8.79 -2.77 8.96
CA PHE A 29 9.89 -1.81 8.89
C PHE A 29 10.44 -1.48 10.28
N VAL A 30 9.58 -1.36 11.29
CA VAL A 30 10.09 -1.17 12.65
C VAL A 30 10.99 -2.34 13.04
N ASN A 31 10.55 -3.57 12.74
CA ASN A 31 11.35 -4.76 13.06
C ASN A 31 12.66 -4.79 12.30
N SER A 32 12.78 -4.04 11.21
N SER A 32 12.77 -4.05 11.19
CA SER A 32 14.02 -3.98 10.44
CA SER A 32 14.01 -3.98 10.43
C SER A 32 14.89 -2.79 10.83
C SER A 32 14.96 -2.90 10.93
N GLY A 33 14.54 -2.09 11.90
CA GLY A 33 15.40 -1.04 12.44
C GLY A 33 15.07 0.36 11.96
N ALA A 34 14.10 0.52 11.07
CA ALA A 34 13.73 1.84 10.57
C ALA A 34 12.86 2.60 11.55
N ARG A 35 12.86 3.93 11.41
CA ARG A 35 11.85 4.78 12.01
C ARG A 35 10.72 4.97 11.03
N VAL A 36 9.48 4.88 11.50
CA VAL A 36 8.33 4.83 10.61
C VAL A 36 7.37 5.93 11.00
N VAL A 37 6.90 6.69 10.00
CA VAL A 37 5.81 7.63 10.16
C VAL A 37 4.56 6.94 9.66
N ILE A 38 3.58 6.76 10.54
CA ILE A 38 2.29 6.16 10.20
C ILE A 38 1.37 7.29 9.77
N CYS A 39 0.94 7.27 8.50
CA CYS A 39 -0.04 8.22 8.00
C CYS A 39 -1.38 7.52 7.89
N ASP A 40 -2.44 8.16 8.38
CA ASP A 40 -3.78 7.61 8.23
C ASP A 40 -4.79 8.73 8.39
N LYS A 41 -5.94 8.61 7.72
CA LYS A 41 -7.02 9.58 7.90
C LYS A 41 -7.81 9.33 9.17
N ASP A 42 -7.69 8.13 9.74
N ASP A 42 -7.70 8.13 9.75
CA ASP A 42 -8.37 7.72 10.96
CA ASP A 42 -8.42 7.78 10.97
C ASP A 42 -7.37 7.68 12.11
C ASP A 42 -7.43 7.62 12.12
N GLU A 43 -7.79 8.20 13.27
CA GLU A 43 -6.89 8.31 14.41
C GLU A 43 -6.72 7.00 15.18
N SER A 44 -7.76 6.18 15.24
CA SER A 44 -7.86 5.14 16.26
C SER A 44 -6.72 4.12 16.15
N GLY A 45 -6.59 3.48 14.99
CA GLY A 45 -5.58 2.44 14.84
C GLY A 45 -4.17 2.98 14.87
N GLY A 46 -3.92 4.08 14.14
CA GLY A 46 -2.58 4.62 14.05
C GLY A 46 -2.06 5.17 15.37
N ARG A 47 -2.92 5.84 16.14
CA ARG A 47 -2.47 6.35 17.44
C ARG A 47 -2.05 5.22 18.36
N ALA A 48 -2.81 4.12 18.37
CA ALA A 48 -2.46 2.99 19.22
C ALA A 48 -1.15 2.36 18.77
N LEU A 49 -0.92 2.29 17.45
CA LEU A 49 0.31 1.72 16.93
C LEU A 49 1.52 2.54 17.37
N GLU A 50 1.40 3.88 17.37
N GLU A 50 1.37 3.86 17.41
CA GLU A 50 2.52 4.68 17.86
CA GLU A 50 2.45 4.75 17.84
C GLU A 50 2.83 4.37 19.30
C GLU A 50 2.80 4.51 19.31
N GLN A 51 1.80 4.24 20.14
CA GLN A 51 2.05 3.92 21.54
C GLN A 51 2.72 2.56 21.67
N GLU A 52 2.37 1.64 20.78
CA GLU A 52 2.84 0.27 20.90
C GLU A 52 4.29 0.12 20.42
N LEU A 53 4.67 0.82 19.36
CA LEU A 53 5.95 0.57 18.70
C LEU A 53 6.91 1.73 18.92
N PRO A 54 7.96 1.56 19.72
N PRO A 54 8.08 1.51 19.52
CA PRO A 54 9.02 2.58 19.73
CA PRO A 54 8.97 2.66 19.81
C PRO A 54 9.64 2.67 18.34
C PRO A 54 9.40 3.42 18.58
N GLY A 55 9.84 3.89 17.88
N GLY A 55 9.73 2.74 17.48
CA GLY A 55 10.34 4.15 16.56
CA GLY A 55 10.25 3.40 16.31
C GLY A 55 9.28 4.47 15.52
C GLY A 55 9.20 3.86 15.33
N ALA A 56 8.00 4.19 15.83
CA ALA A 56 6.88 4.59 14.98
C ALA A 56 6.15 5.76 15.62
N VAL A 57 5.76 6.74 14.80
CA VAL A 57 4.94 7.87 15.25
C VAL A 57 3.79 8.03 14.26
N PHE A 58 2.69 8.60 14.74
CA PHE A 58 1.48 8.75 13.96
C PHE A 58 1.27 10.20 13.55
N ILE A 59 0.98 10.42 12.27
CA ILE A 59 0.61 11.73 11.78
C ILE A 59 -0.71 11.62 11.05
N LEU A 60 -1.72 12.34 11.50
CA LEU A 60 -3.01 12.34 10.83
C LEU A 60 -2.88 13.01 9.46
N CYS A 61 -3.31 12.30 8.42
CA CYS A 61 -3.14 12.81 7.06
C CYS A 61 -4.09 12.07 6.14
N ASP A 62 -4.95 12.83 5.45
CA ASP A 62 -5.79 12.29 4.39
C ASP A 62 -5.05 12.50 3.07
N VAL A 63 -4.66 11.39 2.42
CA VAL A 63 -3.84 11.52 1.21
C VAL A 63 -4.58 12.17 0.04
N THR A 64 -5.90 12.32 0.11
CA THR A 64 -6.60 13.06 -0.94
C THR A 64 -6.53 14.56 -0.73
N GLN A 65 -6.01 15.03 0.40
CA GLN A 65 -5.93 16.45 0.70
C GLN A 65 -4.48 16.88 0.51
N GLU A 66 -4.23 17.68 -0.54
CA GLU A 66 -2.87 18.03 -0.92
C GLU A 66 -2.12 18.71 0.23
N ASP A 67 -2.80 19.57 0.99
CA ASP A 67 -2.14 20.25 2.09
C ASP A 67 -1.85 19.31 3.26
N ASP A 68 -2.69 18.30 3.47
CA ASP A 68 -2.36 17.27 4.47
C ASP A 68 -1.03 16.61 4.11
N VAL A 69 -0.84 16.30 2.83
CA VAL A 69 0.34 15.56 2.37
C VAL A 69 1.58 16.44 2.43
N LYS A 70 1.44 17.72 2.04
CA LYS A 70 2.54 18.65 2.19
C LYS A 70 3.02 18.68 3.64
N THR A 71 2.08 18.69 4.58
CA THR A 71 2.45 18.74 5.99
C THR A 71 3.07 17.41 6.45
N LEU A 72 2.55 16.28 5.95
CA LEU A 72 3.15 14.98 6.26
C LEU A 72 4.62 14.96 5.89
N VAL A 73 4.97 15.42 4.68
CA VAL A 73 6.37 15.39 4.26
C VAL A 73 7.20 16.37 5.10
N SER A 74 6.73 17.61 5.27
CA SER A 74 7.56 18.58 5.98
C SER A 74 7.71 18.20 7.45
N GLU A 75 6.70 17.59 8.06
CA GLU A 75 6.84 17.16 9.45
C GLU A 75 7.77 15.95 9.57
N THR A 76 7.73 15.05 8.57
CA THR A 76 8.66 13.91 8.58
C THR A 76 10.11 14.40 8.55
N ILE A 77 10.40 15.37 7.68
CA ILE A 77 11.76 15.91 7.58
C ILE A 77 12.12 16.69 8.84
N ARG A 78 11.17 17.50 9.35
CA ARG A 78 11.45 18.28 10.56
C ARG A 78 11.80 17.38 11.72
N ARG A 79 11.09 16.26 11.86
CA ARG A 79 11.26 15.42 13.04
C ARG A 79 12.37 14.39 12.89
N PHE A 80 12.69 13.96 11.67
CA PHE A 80 13.64 12.88 11.51
C PHE A 80 14.80 13.16 10.58
N GLY A 81 14.80 14.29 9.87
CA GLY A 81 15.99 14.74 9.17
C GLY A 81 16.27 14.11 7.82
N ARG A 82 15.46 13.15 7.38
CA ARG A 82 15.70 12.45 6.13
C ARG A 82 14.45 11.67 5.79
N LEU A 83 14.37 11.20 4.55
CA LEU A 83 13.26 10.34 4.13
C LEU A 83 13.80 9.35 3.11
N ASP A 84 13.65 8.05 3.41
CA ASP A 84 14.27 7.00 2.60
C ASP A 84 13.28 6.18 1.79
N CYS A 85 12.04 6.05 2.26
CA CYS A 85 11.11 5.16 1.58
C CYS A 85 9.70 5.66 1.82
N VAL A 86 8.91 5.68 0.75
CA VAL A 86 7.48 6.00 0.85
C VAL A 86 6.72 4.77 0.39
N VAL A 87 5.82 4.27 1.23
CA VAL A 87 4.95 3.14 0.91
C VAL A 87 3.56 3.69 0.74
N ASN A 88 3.06 3.70 -0.50
CA ASN A 88 1.73 4.23 -0.81
C ASN A 88 0.74 3.09 -0.72
N ASN A 89 0.20 2.89 0.48
CA ASN A 89 -0.71 1.80 0.78
C ASN A 89 -2.17 2.24 0.94
N ALA A 90 -2.42 3.48 1.34
CA ALA A 90 -3.79 3.96 1.50
C ALA A 90 -4.60 3.72 0.23
N GLY A 91 -5.81 3.23 0.40
CA GLY A 91 -6.67 2.90 -0.73
C GLY A 91 -7.86 2.13 -0.23
N HIS A 92 -8.82 1.91 -1.13
CA HIS A 92 -10.09 1.31 -0.71
C HIS A 92 -10.68 0.51 -1.85
N HIS A 93 -11.27 -0.65 -1.52
CA HIS A 93 -12.06 -1.43 -2.48
C HIS A 93 -13.54 -1.25 -2.15
N PRO A 94 -14.34 -0.68 -3.04
CA PRO A 94 -15.78 -0.54 -2.77
C PRO A 94 -16.47 -1.89 -2.74
N PRO A 95 -17.71 -1.95 -2.26
CA PRO A 95 -18.51 -3.19 -2.38
C PRO A 95 -18.70 -3.55 -3.84
N PRO A 96 -19.06 -4.80 -4.14
CA PRO A 96 -19.31 -5.20 -5.53
C PRO A 96 -20.30 -4.24 -6.18
N GLN A 97 -19.98 -3.83 -7.41
CA GLN A 97 -20.85 -2.94 -8.17
C GLN A 97 -20.87 -3.39 -9.62
N ARG A 98 -22.06 -3.73 -10.12
CA ARG A 98 -22.23 -3.98 -11.55
C ARG A 98 -21.87 -2.73 -12.34
N PRO A 99 -21.40 -2.89 -13.58
CA PRO A 99 -20.98 -1.71 -14.35
C PRO A 99 -22.07 -0.65 -14.46
N GLU A 100 -23.32 -1.06 -14.69
CA GLU A 100 -24.39 -0.09 -14.82
C GLU A 100 -24.73 0.58 -13.50
N GLU A 101 -24.24 0.05 -12.38
CA GLU A 101 -24.43 0.65 -11.06
C GLU A 101 -23.31 1.61 -10.68
N THR A 102 -22.24 1.69 -11.44
CA THR A 102 -21.19 2.65 -11.13
C THR A 102 -21.57 4.02 -11.66
N SER A 103 -20.84 5.03 -11.22
CA SER A 103 -21.03 6.38 -11.71
C SER A 103 -19.68 6.98 -12.03
N ALA A 104 -19.68 7.96 -12.94
CA ALA A 104 -18.45 8.70 -13.21
C ALA A 104 -17.95 9.40 -11.95
N GLN A 105 -18.85 9.90 -11.12
CA GLN A 105 -18.38 10.64 -9.95
C GLN A 105 -17.79 9.69 -8.91
N GLY A 106 -18.41 8.53 -8.70
CA GLY A 106 -17.81 7.53 -7.83
C GLY A 106 -16.45 7.08 -8.33
N PHE A 107 -16.32 6.92 -9.64
CA PHE A 107 -15.05 6.56 -10.27
C PHE A 107 -14.00 7.64 -10.01
N ARG A 108 -14.37 8.91 -10.18
CA ARG A 108 -13.41 10.00 -9.91
C ARG A 108 -12.98 9.99 -8.46
N GLN A 109 -13.91 9.76 -7.54
CA GLN A 109 -13.57 9.72 -6.11
C GLN A 109 -12.59 8.59 -5.80
N LEU A 110 -12.82 7.41 -6.39
CA LEU A 110 -11.89 6.30 -6.12
C LEU A 110 -10.54 6.59 -6.74
N LEU A 111 -10.53 7.21 -7.92
CA LEU A 111 -9.27 7.65 -8.50
C LEU A 111 -8.54 8.62 -7.57
N GLU A 112 -9.28 9.53 -6.91
CA GLU A 112 -8.61 10.47 -6.01
C GLU A 112 -7.85 9.76 -4.91
N LEU A 113 -8.45 8.72 -4.33
CA LEU A 113 -7.78 8.01 -3.25
C LEU A 113 -6.71 7.05 -3.79
N ASN A 114 -7.11 6.11 -4.65
CA ASN A 114 -6.23 5.00 -4.99
C ASN A 114 -5.08 5.42 -5.88
N LEU A 115 -5.24 6.46 -6.69
CA LEU A 115 -4.23 6.83 -7.68
C LEU A 115 -3.62 8.20 -7.37
N LEU A 116 -4.45 9.24 -7.27
CA LEU A 116 -3.89 10.59 -7.15
C LEU A 116 -3.27 10.81 -5.78
N GLY A 117 -3.78 10.14 -4.74
CA GLY A 117 -3.13 10.23 -3.44
C GLY A 117 -1.73 9.65 -3.47
N THR A 118 -1.56 8.52 -4.15
CA THR A 118 -0.24 7.95 -4.35
C THR A 118 0.65 8.90 -5.16
N TYR A 119 0.08 9.48 -6.23
CA TYR A 119 0.83 10.43 -7.05
C TYR A 119 1.30 11.64 -6.23
N THR A 120 0.42 12.21 -5.41
CA THR A 120 0.74 13.46 -4.73
C THR A 120 1.84 13.28 -3.69
N LEU A 121 1.74 12.24 -2.85
CA LEU A 121 2.80 12.01 -1.86
C LEU A 121 4.11 11.67 -2.54
N THR A 122 4.08 10.83 -3.57
CA THR A 122 5.32 10.51 -4.27
C THR A 122 5.99 11.76 -4.80
N LYS A 123 5.21 12.63 -5.45
CA LYS A 123 5.75 13.89 -5.99
C LYS A 123 6.39 14.75 -4.91
N LEU A 124 5.69 14.93 -3.78
CA LEU A 124 6.24 15.80 -2.74
C LEU A 124 7.45 15.18 -2.06
N ALA A 125 7.55 13.85 -2.06
CA ALA A 125 8.66 13.17 -1.40
C ALA A 125 9.88 13.02 -2.28
N LEU A 126 9.73 13.06 -3.60
CA LEU A 126 10.85 12.75 -4.49
C LEU A 126 12.07 13.62 -4.26
N PRO A 127 11.98 14.93 -3.99
CA PRO A 127 13.22 15.68 -3.73
C PRO A 127 14.02 15.14 -2.57
N TYR A 128 13.34 14.63 -1.53
CA TYR A 128 14.07 14.06 -0.40
C TYR A 128 14.57 12.65 -0.70
N LEU A 129 13.79 11.87 -1.45
CA LEU A 129 14.23 10.54 -1.85
C LEU A 129 15.46 10.62 -2.75
N ARG A 130 15.55 11.65 -3.59
CA ARG A 130 16.74 11.82 -4.41
C ARG A 130 17.97 12.05 -3.54
N LYS A 131 17.83 12.87 -2.50
CA LYS A 131 18.98 13.13 -1.63
C LYS A 131 19.46 11.85 -0.96
N SER A 132 18.54 10.96 -0.58
CA SER A 132 18.86 9.75 0.16
C SER A 132 19.06 8.54 -0.73
N GLN A 133 18.89 8.69 -2.05
CA GLN A 133 18.80 7.56 -2.97
C GLN A 133 17.82 6.52 -2.42
N GLY A 134 16.65 7.02 -2.00
CA GLY A 134 15.62 6.19 -1.43
C GLY A 134 14.77 5.56 -2.51
N ASN A 135 13.59 5.10 -2.12
CA ASN A 135 12.76 4.33 -3.04
C ASN A 135 11.28 4.48 -2.70
N VAL A 136 10.45 4.16 -3.70
CA VAL A 136 9.00 4.23 -3.61
C VAL A 136 8.45 2.83 -3.78
N ILE A 137 7.48 2.46 -2.94
CA ILE A 137 6.79 1.18 -3.02
C ILE A 137 5.29 1.47 -3.06
N ASN A 138 4.65 1.13 -4.17
CA ASN A 138 3.21 1.30 -4.31
C ASN A 138 2.50 -0.03 -4.08
N ILE A 139 1.42 0.01 -3.31
CA ILE A 139 0.60 -1.18 -3.08
C ILE A 139 -0.52 -1.14 -4.11
N SER A 140 -0.42 -2.00 -5.12
CA SER A 140 -1.42 -2.06 -6.19
C SER A 140 -2.37 -3.22 -5.88
N SER A 141 -2.70 -4.08 -6.84
CA SER A 141 -3.50 -5.27 -6.61
C SER A 141 -3.32 -6.23 -7.78
N LEU A 142 -3.36 -7.52 -7.47
CA LEU A 142 -3.40 -8.52 -8.53
C LEU A 142 -4.54 -8.24 -9.52
N VAL A 143 -5.67 -7.70 -9.07
CA VAL A 143 -6.79 -7.55 -9.99
C VAL A 143 -6.58 -6.42 -10.99
N GLY A 144 -5.60 -5.53 -10.75
CA GLY A 144 -5.20 -4.62 -11.81
C GLY A 144 -4.61 -5.34 -13.01
N ALA A 145 -3.98 -6.48 -12.78
CA ALA A 145 -3.34 -7.23 -13.87
C ALA A 145 -4.29 -8.23 -14.52
N ILE A 146 -5.17 -8.88 -13.75
CA ILE A 146 -5.99 -9.95 -14.30
C ILE A 146 -7.47 -9.60 -14.32
N GLY A 147 -7.85 -8.45 -13.78
CA GLY A 147 -9.24 -8.07 -13.71
C GLY A 147 -9.95 -8.75 -12.54
N GLN A 148 -11.18 -8.29 -12.30
CA GLN A 148 -12.05 -8.80 -11.24
C GLN A 148 -13.47 -8.48 -11.66
N ALA A 149 -14.42 -9.32 -11.24
CA ALA A 149 -15.83 -9.08 -11.48
C ALA A 149 -16.39 -8.02 -10.53
N GLN A 150 -17.34 -7.23 -11.03
CA GLN A 150 -18.07 -6.23 -10.27
C GLN A 150 -17.14 -5.24 -9.56
N ALA A 151 -16.14 -4.76 -10.30
CA ALA A 151 -15.17 -3.84 -9.73
C ALA A 151 -14.47 -2.99 -10.79
N VAL A 152 -15.22 -2.54 -11.80
CA VAL A 152 -14.62 -1.76 -12.89
C VAL A 152 -13.82 -0.57 -12.37
N PRO A 153 -14.37 0.32 -11.52
CA PRO A 153 -13.53 1.45 -11.07
C PRO A 153 -12.32 1.00 -10.27
N TYR A 154 -12.46 0.07 -9.32
CA TYR A 154 -11.30 -0.36 -8.53
C TYR A 154 -10.21 -0.92 -9.40
N VAL A 155 -10.55 -1.86 -10.29
CA VAL A 155 -9.56 -2.50 -11.16
C VAL A 155 -8.84 -1.44 -11.97
N ALA A 156 -9.59 -0.48 -12.51
CA ALA A 156 -8.97 0.59 -13.30
C ALA A 156 -7.96 1.39 -12.47
N THR A 157 -8.29 1.70 -11.20
CA THR A 157 -7.34 2.46 -10.40
C THR A 157 -6.05 1.68 -10.14
N LYS A 158 -6.15 0.36 -9.98
CA LYS A 158 -4.92 -0.39 -9.71
C LYS A 158 -4.14 -0.67 -10.99
N GLY A 159 -4.82 -0.84 -12.13
CA GLY A 159 -4.11 -0.83 -13.39
C GLY A 159 -3.27 0.42 -13.56
N ALA A 160 -3.83 1.57 -13.18
CA ALA A 160 -3.10 2.82 -13.30
C ALA A 160 -1.91 2.86 -12.35
N VAL A 161 -2.08 2.38 -11.12
CA VAL A 161 -0.98 2.41 -10.16
C VAL A 161 0.19 1.57 -10.65
N THR A 162 -0.09 0.37 -11.16
CA THR A 162 0.98 -0.51 -11.62
C THR A 162 1.71 0.10 -12.80
N ALA A 163 0.96 0.66 -13.76
CA ALA A 163 1.58 1.31 -14.91
C ALA A 163 2.37 2.55 -14.48
N MET A 164 1.78 3.40 -13.64
CA MET A 164 2.49 4.59 -13.14
C MET A 164 3.80 4.23 -12.46
N THR A 165 3.82 3.11 -11.73
CA THR A 165 5.04 2.64 -11.08
C THR A 165 6.17 2.47 -12.08
N LYS A 166 5.86 1.92 -13.26
CA LYS A 166 6.89 1.69 -14.28
C LYS A 166 7.34 3.00 -14.92
N ALA A 167 6.40 3.91 -15.20
CA ALA A 167 6.77 5.21 -15.77
C ALA A 167 7.69 5.97 -14.81
N LEU A 168 7.33 6.00 -13.54
CA LEU A 168 8.12 6.70 -12.54
C LEU A 168 9.49 6.05 -12.38
N ALA A 169 9.54 4.72 -12.41
CA ALA A 169 10.82 4.02 -12.36
C ALA A 169 11.75 4.48 -13.47
N LEU A 170 11.22 4.63 -14.69
CA LEU A 170 12.03 5.14 -15.80
C LEU A 170 12.52 6.56 -15.51
N ASP A 171 11.63 7.43 -15.04
CA ASP A 171 11.99 8.83 -14.84
C ASP A 171 13.02 9.00 -13.74
N GLU A 172 12.94 8.19 -12.69
CA GLU A 172 13.79 8.42 -11.54
C GLU A 172 15.06 7.58 -11.54
N SER A 173 15.18 6.63 -12.47
CA SER A 173 16.38 5.80 -12.54
C SER A 173 17.68 6.58 -12.68
N PRO A 174 17.78 7.67 -13.47
CA PRO A 174 19.07 8.39 -13.51
C PRO A 174 19.44 9.04 -12.19
N TYR A 175 18.50 9.17 -11.24
CA TYR A 175 18.80 9.71 -9.92
C TYR A 175 19.00 8.61 -8.88
N GLY A 176 18.94 7.35 -9.29
CA GLY A 176 19.16 6.29 -8.32
C GLY A 176 18.00 6.03 -7.39
N VAL A 177 16.82 6.58 -7.69
CA VAL A 177 15.61 6.33 -6.91
C VAL A 177 14.83 5.22 -7.61
N ARG A 178 14.66 4.09 -6.92
CA ARG A 178 13.89 2.96 -7.43
C ARG A 178 12.41 3.14 -7.08
N VAL A 179 11.54 2.63 -7.96
CA VAL A 179 10.09 2.73 -7.80
C VAL A 179 9.52 1.36 -8.15
N ASN A 180 8.92 0.68 -7.17
CA ASN A 180 8.40 -0.66 -7.40
C ASN A 180 6.98 -0.75 -6.86
N CYS A 181 6.27 -1.83 -7.22
CA CYS A 181 4.98 -2.05 -6.59
C CYS A 181 4.83 -3.50 -6.13
N ILE A 182 3.93 -3.68 -5.18
CA ILE A 182 3.52 -4.99 -4.71
C ILE A 182 2.06 -5.16 -5.11
N SER A 183 1.73 -6.29 -5.72
CA SER A 183 0.34 -6.63 -6.05
C SER A 183 -0.13 -7.78 -5.18
N PRO A 184 -0.78 -7.49 -4.06
CA PRO A 184 -1.33 -8.58 -3.25
C PRO A 184 -2.59 -9.14 -3.91
N GLY A 185 -2.84 -10.40 -3.63
CA GLY A 185 -4.12 -11.02 -3.94
C GLY A 185 -4.98 -10.90 -2.70
N ASN A 186 -5.68 -11.97 -2.32
CA ASN A 186 -6.55 -11.92 -1.15
C ASN A 186 -5.73 -11.91 0.13
N ILE A 187 -5.77 -10.79 0.86
CA ILE A 187 -5.10 -10.67 2.15
C ILE A 187 -6.16 -10.46 3.21
N TRP A 188 -6.08 -11.22 4.30
CA TRP A 188 -7.08 -11.14 5.37
C TRP A 188 -6.84 -9.88 6.19
N THR A 189 -7.70 -8.86 6.00
CA THR A 189 -7.61 -7.54 6.59
C THR A 189 -9.01 -7.09 7.06
N PRO A 190 -9.12 -6.01 7.83
CA PRO A 190 -10.45 -5.50 8.16
C PRO A 190 -11.28 -5.14 6.95
N LEU A 191 -10.64 -4.69 5.86
CA LEU A 191 -11.38 -4.44 4.64
C LEU A 191 -11.99 -5.72 4.09
N TRP A 192 -11.17 -6.79 3.99
CA TRP A 192 -11.72 -8.05 3.51
C TRP A 192 -12.88 -8.50 4.38
N GLU A 193 -12.72 -8.38 5.70
CA GLU A 193 -13.77 -8.80 6.63
C GLU A 193 -15.03 -7.93 6.47
N GLU A 194 -14.85 -6.61 6.32
CA GLU A 194 -15.99 -5.72 6.09
C GLU A 194 -16.74 -6.11 4.82
N LEU A 195 -16.01 -6.37 3.73
CA LEU A 195 -16.66 -6.73 2.47
C LEU A 195 -17.36 -8.07 2.58
N ALA A 196 -16.76 -9.03 3.28
CA ALA A 196 -17.41 -10.33 3.46
C ALA A 196 -18.71 -10.19 4.25
N ALA A 197 -18.75 -9.27 5.21
CA ALA A 197 -19.93 -9.07 6.05
C ALA A 197 -21.13 -8.57 5.25
N LEU A 198 -20.89 -7.92 4.11
CA LEU A 198 -21.98 -7.44 3.25
C LEU A 198 -22.61 -8.56 2.43
N MET A 199 -21.96 -9.71 2.32
CA MET A 199 -22.44 -10.80 1.48
C MET A 199 -23.59 -11.53 2.16
N PRO A 200 -24.43 -12.22 1.39
CA PRO A 200 -25.51 -13.01 2.02
C PRO A 200 -24.99 -14.03 3.02
N ASP A 201 -23.95 -14.79 2.64
CA ASP A 201 -23.33 -15.79 3.51
C ASP A 201 -21.87 -15.39 3.69
N PRO A 202 -21.55 -14.57 4.70
CA PRO A 202 -20.16 -14.14 4.88
C PRO A 202 -19.17 -15.28 5.05
N ARG A 203 -19.54 -16.35 5.77
CA ARG A 203 -18.61 -17.47 5.91
C ARG A 203 -18.39 -18.17 4.57
N ALA A 204 -19.42 -18.22 3.71
CA ALA A 204 -19.22 -18.78 2.39
C ALA A 204 -18.35 -17.88 1.52
N SER A 205 -18.53 -16.56 1.65
CA SER A 205 -17.68 -15.63 0.92
C SER A 205 -16.21 -15.81 1.30
N ILE A 206 -15.95 -16.00 2.59
CA ILE A 206 -14.58 -16.13 3.09
C ILE A 206 -13.96 -17.46 2.65
N ARG A 207 -14.73 -18.55 2.72
CA ARG A 207 -14.19 -19.84 2.27
C ARG A 207 -13.88 -19.80 0.79
N GLU A 208 -14.71 -19.12 0.00
CA GLU A 208 -14.45 -18.97 -1.43
C GLU A 208 -13.16 -18.18 -1.67
N GLY A 209 -12.93 -17.14 -0.87
CA GLY A 209 -11.71 -16.34 -1.01
C GLY A 209 -10.46 -17.11 -0.66
N MET A 210 -10.54 -17.99 0.35
CA MET A 210 -9.41 -18.84 0.70
C MET A 210 -9.07 -19.81 -0.42
N LEU A 211 -10.10 -20.36 -1.07
CA LEU A 211 -9.92 -21.37 -2.11
C LEU A 211 -9.56 -20.76 -3.45
N ALA A 212 -9.55 -19.43 -3.58
CA ALA A 212 -9.09 -18.80 -4.80
C ALA A 212 -7.58 -18.91 -4.99
N GLN A 213 -6.84 -19.33 -3.95
CA GLN A 213 -5.39 -19.50 -4.01
C GLN A 213 -5.04 -20.97 -3.99
N PRO A 214 -4.13 -21.42 -4.85
CA PRO A 214 -3.62 -22.79 -4.74
C PRO A 214 -3.12 -23.14 -3.35
N LEU A 215 -2.58 -22.18 -2.60
CA LEU A 215 -2.13 -22.44 -1.23
C LEU A 215 -3.28 -22.65 -0.25
N GLY A 216 -4.53 -22.41 -0.65
CA GLY A 216 -5.68 -22.73 0.17
C GLY A 216 -5.95 -21.80 1.34
N ARG A 217 -5.26 -20.67 1.43
CA ARG A 217 -5.46 -19.70 2.48
C ARG A 217 -5.30 -18.31 1.89
N MET A 218 -5.77 -17.30 2.61
CA MET A 218 -5.45 -15.93 2.27
C MET A 218 -4.09 -15.54 2.84
N GLY A 219 -3.55 -14.40 2.36
CA GLY A 219 -2.29 -13.90 2.85
C GLY A 219 -2.44 -13.04 4.08
N GLN A 220 -1.29 -12.72 4.71
CA GLN A 220 -1.26 -11.91 5.91
C GLN A 220 -0.60 -10.56 5.66
N PRO A 221 -1.03 -9.51 6.36
CA PRO A 221 -0.31 -8.23 6.30
C PRO A 221 1.19 -8.36 6.53
N ALA A 222 1.62 -9.26 7.42
CA ALA A 222 3.04 -9.43 7.67
C ALA A 222 3.78 -9.93 6.44
N GLU A 223 3.12 -10.75 5.61
CA GLU A 223 3.74 -11.23 4.39
C GLU A 223 3.87 -10.11 3.36
N VAL A 224 2.87 -9.23 3.27
CA VAL A 224 3.07 -8.05 2.44
C VAL A 224 4.18 -7.17 3.02
N GLY A 225 4.22 -7.06 4.35
CA GLY A 225 5.26 -6.25 4.97
C GLY A 225 6.66 -6.74 4.68
N ALA A 226 6.86 -8.06 4.67
CA ALA A 226 8.20 -8.59 4.40
C ALA A 226 8.60 -8.33 2.96
N ALA A 227 7.63 -8.39 2.03
CA ALA A 227 7.93 -8.05 0.65
C ALA A 227 8.36 -6.59 0.54
N ALA A 228 7.70 -5.70 1.28
CA ALA A 228 8.04 -4.28 1.21
C ALA A 228 9.44 -4.03 1.74
N VAL A 229 9.79 -4.68 2.85
CA VAL A 229 11.12 -4.51 3.41
C VAL A 229 12.19 -5.03 2.46
N PHE A 230 11.92 -6.15 1.78
CA PHE A 230 12.84 -6.63 0.76
C PHE A 230 13.06 -5.58 -0.34
N LEU A 231 11.97 -5.04 -0.90
CA LEU A 231 12.11 -4.05 -1.96
C LEU A 231 12.89 -2.83 -1.49
N ALA A 232 12.65 -2.38 -0.27
CA ALA A 232 13.34 -1.18 0.23
C ALA A 232 14.82 -1.45 0.46
N SER A 233 15.15 -2.58 1.10
CA SER A 233 16.46 -2.73 1.72
C SER A 233 17.43 -3.61 0.94
N GLU A 234 16.95 -4.51 0.09
CA GLU A 234 17.78 -5.54 -0.51
C GLU A 234 17.59 -5.71 -2.00
N ALA A 235 16.76 -4.90 -2.64
CA ALA A 235 16.45 -5.12 -4.04
C ALA A 235 17.06 -4.00 -4.89
N ASN A 236 18.35 -3.77 -4.72
CA ASN A 236 18.98 -2.59 -5.30
C ASN A 236 19.05 -2.61 -6.82
N PHE A 237 18.83 -3.78 -7.45
CA PHE A 237 18.78 -3.87 -8.90
C PHE A 237 17.35 -4.07 -9.40
N CYS A 238 16.34 -3.88 -8.54
CA CYS A 238 14.94 -3.99 -8.93
C CYS A 238 14.35 -2.59 -9.03
N THR A 239 13.83 -2.23 -10.21
CA THR A 239 13.05 -1.01 -10.30
C THR A 239 11.97 -1.24 -11.36
N GLY A 240 10.79 -0.69 -11.10
CA GLY A 240 9.66 -0.90 -11.99
C GLY A 240 9.10 -2.30 -12.00
N ILE A 241 9.33 -3.10 -10.95
CA ILE A 241 8.81 -4.46 -10.95
C ILE A 241 7.47 -4.49 -10.24
N GLU A 242 6.67 -5.53 -10.53
CA GLU A 242 5.40 -5.80 -9.87
C GLU A 242 5.58 -7.10 -9.09
N LEU A 243 5.71 -7.00 -7.76
CA LEU A 243 5.97 -8.16 -6.91
C LEU A 243 4.65 -8.78 -6.47
N LEU A 244 4.34 -9.98 -6.98
CA LEU A 244 3.07 -10.63 -6.69
C LEU A 244 3.11 -11.31 -5.33
N VAL A 245 2.14 -10.98 -4.48
CA VAL A 245 1.99 -11.63 -3.16
C VAL A 245 0.57 -12.15 -3.10
N THR A 246 0.32 -13.28 -3.77
CA THR A 246 -1.01 -13.71 -4.14
C THR A 246 -1.30 -15.16 -3.81
N GLY A 247 -0.34 -15.91 -3.27
CA GLY A 247 -0.56 -17.33 -3.04
C GLY A 247 -0.80 -18.15 -4.29
N GLY A 248 -0.43 -17.63 -5.46
CA GLY A 248 -0.62 -18.34 -6.72
C GLY A 248 -2.00 -18.19 -7.34
N ALA A 249 -2.79 -17.20 -6.92
CA ALA A 249 -4.16 -17.09 -7.43
C ALA A 249 -4.21 -16.94 -8.95
N GLU A 250 -3.15 -16.38 -9.55
CA GLU A 250 -3.13 -16.14 -10.99
C GLU A 250 -2.78 -17.38 -11.80
N LEU A 251 -2.44 -18.49 -11.15
CA LEU A 251 -1.91 -19.68 -11.82
C LEU A 251 -3.04 -20.64 -12.18
N GLY A 252 -2.93 -21.22 -13.38
CA GLY A 252 -3.80 -22.35 -13.73
C GLY A 252 -5.24 -21.95 -13.99
N TYR A 253 -6.02 -22.96 -14.38
CA TYR A 253 -7.44 -22.82 -14.63
C TYR A 253 -8.22 -22.86 -13.32
N GLY A 254 -9.36 -22.17 -13.30
CA GLY A 254 -10.24 -22.19 -12.16
C GLY A 254 -11.67 -22.03 -12.64
N CYS A 255 -12.61 -22.08 -11.68
CA CYS A 255 -14.02 -21.90 -11.99
C CYS A 255 -14.28 -20.41 -12.21
N LYS A 256 -14.49 -20.03 -13.46
CA LYS A 256 -14.75 -18.64 -13.80
C LYS A 256 -16.19 -18.48 -14.30
C01 QFZ B . -8.35 -6.31 -3.56
C02 QFZ B . -8.84 -7.54 -3.96
C03 QFZ B . -9.78 -8.21 -3.19
C04 QFZ B . -10.24 -7.63 -2.03
C05 QFZ B . -9.76 -6.40 -1.65
C06 QFZ B . -8.82 -5.74 -2.40
F07 QFZ B . -8.38 -4.54 -1.96
F08 QFZ B . -10.19 -5.81 -0.50
F09 QFZ B . -11.19 -8.26 -1.27
F10 QFZ B . -10.25 -9.41 -3.63
F11 QFZ B . -8.39 -8.13 -5.11
O12 QFZ B . -7.39 -5.66 -4.35
PA NAD C . -7.97 -1.52 5.10
O1A NAD C . -9.29 -0.88 4.89
O2A NAD C . -8.00 -2.66 6.11
O5B NAD C . -6.86 -0.47 5.59
C5B NAD C . -6.66 0.73 4.83
C4B NAD C . -6.16 1.82 5.75
O4B NAD C . -5.97 3.03 4.96
C3B NAD C . -7.10 2.20 6.91
O3B NAD C . -6.39 2.42 8.12
C2B NAD C . -7.77 3.48 6.40
O2B NAD C . -8.18 4.38 7.43
C1B NAD C . -6.61 4.11 5.61
N9A NAD C . -7.03 5.08 4.60
C8A NAD C . -8.11 5.00 3.77
N7A NAD C . -8.31 6.08 3.05
C5A NAD C . -7.28 6.93 3.44
C6A NAD C . -6.94 8.24 3.08
N6A NAD C . -7.66 8.98 2.21
N1A NAD C . -5.86 8.80 3.65
C2A NAD C . -5.17 8.08 4.55
N3A NAD C . -5.39 6.84 4.98
C4A NAD C . -6.48 6.31 4.39
O3 NAD C . -7.44 -2.07 3.70
PN NAD C . -6.36 -3.19 3.31
O1N NAD C . -7.09 -4.45 3.02
O2N NAD C . -5.31 -3.20 4.35
O5D NAD C . -5.77 -2.60 1.95
C5D NAD C . -4.64 -1.70 1.98
C4D NAD C . -4.16 -1.55 0.55
O4D NAD C . -3.96 -2.85 -0.03
C3D NAD C . -5.15 -0.83 -0.39
O3D NAD C . -4.40 -0.06 -1.33
C2D NAD C . -5.84 -1.99 -1.10
O2D NAD C . -6.36 -1.62 -2.38
C1D NAD C . -4.67 -2.94 -1.24
N1N NAD C . -5.02 -4.39 -1.49
C2N NAD C . -5.71 -5.08 -0.56
C3N NAD C . -6.02 -6.41 -0.76
C7N NAD C . -6.72 -7.29 0.24
O7N NAD C . -7.02 -8.44 -0.09
N7N NAD C . -7.02 -6.79 1.44
C4N NAD C . -5.63 -7.01 -1.95
C5N NAD C . -4.91 -6.28 -2.88
C6N NAD C . -4.62 -4.97 -2.64
NA NA D . 6.18 5.02 19.13
#